data_6ZUW
#
_entry.id   6ZUW
#
_cell.length_a   70.160
_cell.length_b   71.310
_cell.length_c   72.080
_cell.angle_alpha   90.000
_cell.angle_beta   100.250
_cell.angle_gamma   90.000
#
_symmetry.space_group_name_H-M   'C 1 2 1'
#
loop_
_entity.id
_entity.type
_entity.pdbx_description
1 polymer Prothrombin
2 polymer Prothrombin
3 polymer Hirudin-2
4 non-polymer [2-[[(1~{R})-1-(3-chlorophenyl)ethyl]amino]-7-methoxy-1,3-benzoxazol-5-yl]-[(2~{S},5~{R})-5-ethyl-2-(2-hydroxyethyl)-2-methyl-morpholin-4-yl]methanone
5 non-polymer 2-acetamido-2-deoxy-beta-D-glucopyranose
6 water water
#
loop_
_entity_poly.entity_id
_entity_poly.type
_entity_poly.pdbx_seq_one_letter_code
_entity_poly.pdbx_strand_id
1 'polypeptide(L)' TFGSGEADCGLRPLFEKKSLEDKTERELLESYIDGR L
2 'polypeptide(L)'
;IVEGSDAEIGMSPWQVMLFRKSPQELLCGASLISDRWVLTAAHCLLYPPWDKNFTENDLLVRIGKHSRTRYERNIEKISM
LEKIYIHPRYNWRENLDRDIALMKLKKPVAFSDYIHPVCLPDRETAASLLQAGYKGRVTGWGNLKETWTANVGKGQPSVL
QVVNLPIVERPVCKDSTRIRITDNMFCAGYKPDEGKRGDACEGDSGGPFVMKSPFNNRWYQMGIVSWGEGCDRDGKYGFY
THVFRLKKWIQKVIDQFGE
;
H
3 'polypeptide(L)' GDFEEIPEE(TYS)L I
#
loop_
_chem_comp.id
_chem_comp.type
_chem_comp.name
_chem_comp.formula
NAG D-saccharide, beta linking 2-acetamido-2-deoxy-beta-D-glucopyranose 'C8 H15 N O6'
QQK non-polymer [2-[[(1~{R})-1-(3-chlorophenyl)ethyl]amino]-7-methoxy-1,3-benzoxazol-5-yl]-[(2~{S},5~{R})-5-ethyl-2-(2-hydroxyethyl)-2-methyl-morpholin-4-yl]methanone 'C26 H32 Cl N3 O5'
#
# COMPACT_ATOMS: atom_id res chain seq x y z
N ALA A 7 9.25 0.29 17.75
CA ALA A 7 9.13 1.37 18.81
C ALA A 7 8.98 2.76 18.15
N ASP A 8 9.67 3.01 17.05
CA ASP A 8 9.55 4.26 16.35
C ASP A 8 8.61 4.20 15.10
N CYS A 9 7.87 3.11 14.92
CA CYS A 9 7.01 2.96 13.71
C CYS A 9 5.89 4.03 13.72
N GLY A 10 5.18 4.35 12.68
CA GLY A 10 5.34 5.25 11.73
C GLY A 10 5.10 6.64 12.33
N LEU A 11 6.23 7.14 12.78
CA LEU A 11 6.48 8.53 13.06
C LEU A 11 7.51 8.94 11.98
N ARG A 12 7.07 9.87 11.15
CA ARG A 12 7.82 10.25 9.95
C ARG A 12 8.89 11.23 10.30
N PRO A 13 10.12 10.99 9.81
CA PRO A 13 11.20 11.92 10.16
C PRO A 13 10.94 13.38 9.77
N LEU A 14 10.24 13.60 8.65
CA LEU A 14 10.04 14.98 8.11
C LEU A 14 8.71 15.58 8.54
N PHE A 15 7.95 14.82 9.29
CA PHE A 15 6.64 15.27 9.79
C PHE A 15 6.53 15.19 11.32
N GLU A 16 5.98 14.10 11.87
CA GLU A 16 5.76 13.96 13.29
C GLU A 16 7.03 14.24 14.10
N LYS A 17 8.19 13.80 13.57
CA LYS A 17 9.46 13.95 14.30
C LYS A 17 9.85 15.42 14.47
N LYS A 18 9.32 16.31 13.63
CA LYS A 18 9.59 17.75 13.68
C LYS A 18 8.37 18.56 13.97
N SER A 19 7.29 17.89 14.37
CA SER A 19 5.97 18.53 14.61
C SER A 19 5.53 19.46 13.46
N LEU A 20 5.70 18.96 12.22
CA LEU A 20 5.15 19.57 11.04
C LEU A 20 4.02 18.67 10.48
N GLU A 21 2.94 19.26 9.97
CA GLU A 21 1.81 18.46 9.44
C GLU A 21 1.87 18.50 7.95
N ASP A 22 1.56 17.37 7.28
CA ASP A 22 1.43 17.38 5.85
C ASP A 22 0.10 18.11 5.48
N LYS A 23 -0.06 18.37 4.22
CA LYS A 23 -1.19 19.21 3.77
C LYS A 23 -2.63 18.63 3.91
N THR A 24 -2.80 17.34 4.08
CA THR A 24 -4.13 16.79 4.13
C THR A 24 -4.39 15.89 5.35
N GLU A 25 -3.42 15.70 6.25
CA GLU A 25 -3.64 14.83 7.38
C GLU A 25 -4.77 15.34 8.30
N ARG A 26 -4.98 16.66 8.31
CA ARG A 26 -6.12 17.28 9.02
C ARG A 26 -7.48 16.78 8.48
N GLU A 27 -7.60 16.54 7.17
CA GLU A 27 -8.83 15.91 6.63
C GLU A 27 -9.10 14.54 7.23
N LEU A 28 -8.05 13.77 7.46
CA LEU A 28 -8.18 12.48 8.14
C LEU A 28 -8.64 12.65 9.61
N LEU A 29 -7.99 13.54 10.32
CA LEU A 29 -8.32 13.83 11.73
C LEU A 29 -9.80 14.25 11.91
N GLU A 30 -10.24 15.18 11.05
CA GLU A 30 -11.60 15.70 11.10
C GLU A 30 -12.60 14.62 10.79
N SER A 31 -12.24 13.60 10.05
CA SER A 31 -13.16 12.44 9.93
C SER A 31 -13.27 11.50 11.15
N TYR A 32 -12.34 11.58 12.11
CA TYR A 32 -12.31 10.66 13.25
C TYR A 32 -13.10 11.23 14.41
N ILE A 33 -14.36 10.83 14.50
CA ILE A 33 -15.31 11.22 15.58
C ILE A 33 -15.39 10.23 16.82
N ILE B 1 -2.94 6.01 -9.01
CA ILE B 1 -4.00 6.71 -8.23
C ILE B 1 -4.72 7.69 -9.16
N VAL B 2 -6.05 7.67 -9.08
CA VAL B 2 -6.95 8.56 -9.83
C VAL B 2 -7.48 9.67 -8.92
N GLU B 3 -7.35 10.90 -9.45
CA GLU B 3 -7.79 12.12 -8.78
C GLU B 3 -7.13 12.33 -7.45
N GLY B 4 -5.85 11.95 -7.35
CA GLY B 4 -5.09 12.18 -6.16
C GLY B 4 -4.23 13.39 -6.40
N SER B 5 -3.18 13.56 -5.62
CA SER B 5 -2.25 14.67 -5.87
C SER B 5 -0.81 14.20 -5.61
N ASP B 6 0.16 15.03 -5.94
CA ASP B 6 1.56 14.65 -5.77
C ASP B 6 1.86 14.53 -4.27
N ALA B 7 2.53 13.48 -3.88
CA ALA B 7 2.98 13.37 -2.49
C ALA B 7 4.02 14.42 -2.14
N GLU B 8 3.99 14.86 -0.89
CA GLU B 8 5.06 15.66 -0.40
C GLU B 8 6.29 14.78 -0.14
N ILE B 9 7.47 15.39 -0.12
CA ILE B 9 8.66 14.67 0.17
C ILE B 9 8.60 14.10 1.59
N GLY B 10 8.86 12.82 1.72
CA GLY B 10 8.91 12.21 3.05
C GLY B 10 7.53 11.92 3.61
N MET B 11 6.48 12.08 2.81
CA MET B 11 5.13 11.95 3.33
C MET B 11 4.75 10.48 3.63
N SER B 12 5.29 9.57 2.82
CA SER B 12 4.98 8.18 2.95
C SER B 12 6.27 7.36 2.92
N PRO B 13 7.08 7.45 3.99
CA PRO B 13 8.44 6.89 3.96
C PRO B 13 8.54 5.39 4.11
N TRP B 14 7.37 4.73 4.31
CA TRP B 14 7.18 3.30 4.27
C TRP B 14 6.75 2.78 2.87
N GLN B 15 6.57 3.67 1.87
CA GLN B 15 6.10 3.24 0.53
C GLN B 15 7.24 2.53 -0.12
N VAL B 16 6.90 1.41 -0.76
CA VAL B 16 7.90 0.63 -1.46
C VAL B 16 7.37 0.41 -2.86
N MET B 17 8.31 0.43 -3.81
CA MET B 17 8.08 -0.03 -5.18
C MET B 17 8.63 -1.41 -5.40
N LEU B 18 7.79 -2.31 -5.90
CA LEU B 18 8.22 -3.57 -6.41
C LEU B 18 8.56 -3.33 -7.86
N PHE B 19 9.76 -3.67 -8.23
CA PHE B 19 10.29 -3.32 -9.55
C PHE B 19 10.74 -4.61 -10.22
N ARG B 20 10.18 -4.88 -11.39
CA ARG B 20 10.59 -6.04 -12.21
C ARG B 20 11.89 -5.74 -12.90
N LYS B 21 12.82 -6.68 -12.81
CA LYS B 21 14.12 -6.59 -13.42
C LYS B 21 14.06 -6.61 -14.96
N SER B 22 13.35 -7.61 -15.48
CA SER B 22 13.33 -7.96 -16.92
C SER B 22 11.92 -8.33 -17.37
N PRO B 23 11.24 -7.48 -18.13
CA PRO B 23 11.64 -6.08 -18.45
C PRO B 23 11.47 -5.11 -17.25
N GLN B 24 12.22 -3.99 -17.30
CA GLN B 24 12.30 -2.97 -16.25
C GLN B 24 10.94 -2.27 -16.17
N GLU B 25 10.12 -2.61 -15.16
CA GLU B 25 8.82 -1.97 -15.04
C GLU B 25 8.32 -1.98 -13.61
N LEU B 26 7.27 -1.18 -13.38
CA LEU B 26 6.63 -1.15 -12.07
C LEU B 26 5.81 -2.41 -11.95
N LEU B 27 6.08 -3.23 -10.95
CA LEU B 27 5.22 -4.40 -10.72
C LEU B 27 4.05 -4.09 -9.82
N CYS B 28 4.26 -3.30 -8.76
CA CYS B 28 3.23 -3.14 -7.74
C CYS B 28 3.80 -2.22 -6.65
N GLY B 29 2.93 -1.82 -5.73
CA GLY B 29 3.30 -1.22 -4.50
C GLY B 29 3.43 -2.24 -3.38
N ALA B 30 3.95 -1.75 -2.26
CA ALA B 30 4.25 -2.58 -1.07
C ALA B 30 4.55 -1.56 0.07
N SER B 31 4.90 -2.03 1.25
CA SER B 31 5.18 -1.15 2.36
C SER B 31 6.24 -1.77 3.26
N LEU B 32 6.99 -0.93 3.96
CA LEU B 32 8.03 -1.36 4.80
C LEU B 32 7.47 -1.46 6.20
N ILE B 33 7.54 -2.65 6.81
CA ILE B 33 7.10 -2.87 8.19
C ILE B 33 8.19 -3.06 9.28
N SER B 34 9.45 -3.17 8.81
CA SER B 34 10.59 -3.24 9.63
C SER B 34 11.79 -3.11 8.70
N ASP B 35 13.01 -3.25 9.27
CA ASP B 35 14.20 -3.13 8.42
C ASP B 35 14.43 -4.29 7.48
N ARG B 36 13.74 -5.42 7.65
CA ARG B 36 13.90 -6.56 6.73
C ARG B 36 12.63 -7.13 6.12
N TRP B 37 11.49 -6.58 6.46
CA TRP B 37 10.21 -7.13 6.02
C TRP B 37 9.35 -6.09 5.25
N VAL B 38 8.85 -6.52 4.10
CA VAL B 38 8.01 -5.71 3.22
C VAL B 38 6.69 -6.46 3.01
N LEU B 39 5.58 -5.73 3.16
CA LEU B 39 4.20 -6.27 2.98
C LEU B 39 3.64 -5.89 1.61
N THR B 40 2.95 -6.81 0.92
CA THR B 40 2.27 -6.46 -0.34
C THR B 40 1.02 -7.35 -0.54
N ALA B 41 0.41 -7.26 -1.71
CA ALA B 41 -0.74 -8.06 -2.05
C ALA B 41 -0.25 -9.30 -2.74
N ALA B 42 -0.80 -10.47 -2.34
CA ALA B 42 -0.42 -11.73 -2.96
C ALA B 42 -0.49 -11.66 -4.49
N HIS B 43 -1.52 -11.02 -5.04
CA HIS B 43 -1.72 -11.12 -6.46
C HIS B 43 -0.68 -10.38 -7.33
N CYS B 44 0.10 -9.50 -6.67
CA CYS B 44 1.24 -8.87 -7.25
C CYS B 44 2.31 -9.85 -7.64
N LEU B 45 2.37 -10.96 -6.89
CA LEU B 45 3.41 -11.99 -7.07
C LEU B 45 2.87 -13.27 -7.74
N LEU B 46 1.63 -13.65 -7.41
CA LEU B 46 1.09 -14.89 -7.86
C LEU B 46 -0.31 -14.64 -8.31
N TYR B 47 -0.57 -14.82 -9.59
CA TYR B 47 -1.93 -14.73 -10.10
C TYR B 47 -2.01 -15.47 -11.42
N PRO B 48 -2.34 -16.76 -11.35
CA PRO B 48 -2.41 -17.63 -12.51
C PRO B 48 -3.30 -17.18 -13.67
N PRO B 49 -4.43 -16.52 -13.39
CA PRO B 49 -5.22 -16.04 -14.53
C PRO B 49 -4.49 -15.06 -15.47
N TRP B 50 -3.55 -14.29 -14.95
CA TRP B 50 -2.72 -13.44 -15.77
C TRP B 50 -1.32 -13.99 -15.94
N ASP B 51 -1.12 -15.29 -15.71
CA ASP B 51 0.21 -15.90 -15.74
C ASP B 51 1.26 -15.13 -14.93
N LYS B 52 0.91 -14.69 -13.73
CA LYS B 52 1.84 -13.99 -12.86
C LYS B 52 2.35 -15.03 -11.88
N ASN B 53 3.66 -15.26 -11.90
CA ASN B 53 4.25 -16.18 -10.91
C ASN B 53 5.67 -15.76 -10.67
N PHE B 54 5.89 -14.72 -9.87
CA PHE B 54 7.22 -14.20 -9.72
C PHE B 54 8.00 -14.93 -8.61
N THR B 55 9.26 -15.21 -8.90
CA THR B 55 10.21 -15.78 -8.01
C THR B 55 11.03 -14.59 -7.39
N GLU B 56 11.81 -14.90 -6.35
CA GLU B 56 12.60 -13.92 -5.63
C GLU B 56 13.49 -13.13 -6.55
N ASN B 57 14.16 -13.86 -7.42
CA ASN B 57 15.15 -13.23 -8.30
C ASN B 57 14.57 -12.40 -9.42
N ASP B 58 13.24 -12.44 -9.65
CA ASP B 58 12.64 -11.61 -10.71
C ASP B 58 12.46 -10.10 -10.39
N LEU B 59 12.59 -9.75 -9.10
CA LEU B 59 12.14 -8.50 -8.52
C LEU B 59 13.22 -7.87 -7.64
N LEU B 60 13.06 -6.56 -7.49
CA LEU B 60 13.80 -5.74 -6.52
C LEU B 60 12.74 -4.95 -5.78
N VAL B 61 13.10 -4.59 -4.55
CA VAL B 61 12.37 -3.65 -3.75
C VAL B 61 13.11 -2.30 -3.75
N ARG B 62 12.41 -1.21 -4.12
CA ARG B 62 12.95 0.13 -4.11
C ARG B 62 12.26 0.94 -3.06
N ILE B 63 13.03 1.42 -2.11
CA ILE B 63 12.47 2.13 -0.94
C ILE B 63 13.03 3.54 -0.88
N GLY B 64 12.18 4.44 -0.42
CA GLY B 64 12.52 5.87 -0.21
C GLY B 64 12.31 6.72 -1.46
N LYS B 65 11.49 6.20 -2.39
CA LYS B 65 11.38 6.79 -3.73
C LYS B 65 10.31 7.87 -3.75
N HIS B 66 10.40 8.73 -4.76
CA HIS B 66 9.41 9.79 -4.95
C HIS B 66 9.08 9.84 -6.43
N SER B 67 10.08 10.12 -7.25
CA SER B 67 9.98 9.98 -8.66
C SER B 67 9.64 8.54 -9.08
N ARG B 68 8.70 8.36 -10.00
CA ARG B 68 8.38 7.02 -10.54
C ARG B 68 9.58 6.41 -11.28
N THR B 69 10.23 7.15 -12.18
CA THR B 69 11.18 6.50 -13.10
C THR B 69 12.65 6.73 -12.89
N ARG B 70 13.03 7.77 -12.11
CA ARG B 70 14.42 8.18 -11.95
C ARG B 70 15.02 7.22 -10.90
N TYR B 71 16.31 6.97 -11.07
CA TYR B 71 17.12 6.36 -10.08
C TYR B 71 17.52 7.48 -9.11
N GLU B 72 16.91 7.46 -7.90
CA GLU B 72 17.05 8.52 -6.91
C GLU B 72 18.30 8.30 -6.03
N ARG B 73 19.48 8.46 -6.66
CA ARG B 73 20.77 8.26 -6.01
C ARG B 73 20.76 9.32 -4.92
N ASN B 74 21.21 9.35 -3.71
CA ASN B 74 21.64 8.65 -2.58
C ASN B 74 20.34 8.94 -1.69
N ILE B 75 19.17 8.54 -2.16
CA ILE B 75 17.87 8.73 -1.51
C ILE B 75 17.17 7.41 -1.42
N GLU B 76 16.93 6.76 -2.57
CA GLU B 76 16.26 5.48 -2.55
C GLU B 76 17.30 4.42 -2.19
N LYS B 77 16.84 3.32 -1.66
CA LYS B 77 17.63 2.15 -1.45
C LYS B 77 16.96 1.00 -2.15
N ILE B 78 17.79 0.23 -2.85
CA ILE B 78 17.28 -0.89 -3.62
C ILE B 78 17.70 -2.19 -2.97
N SER B 79 16.77 -3.08 -2.66
CA SER B 79 17.07 -4.33 -1.93
C SER B 79 16.66 -5.56 -2.68
N MET B 80 17.39 -6.66 -2.45
CA MET B 80 17.13 -7.94 -3.08
C MET B 80 16.28 -8.74 -2.12
N LEU B 81 15.48 -9.63 -2.68
CA LEU B 81 14.60 -10.51 -1.91
C LEU B 81 15.26 -11.80 -1.49
N GLU B 82 15.14 -12.12 -0.22
CA GLU B 82 15.60 -13.40 0.33
C GLU B 82 14.55 -14.43 0.12
N LYS B 83 13.30 -14.10 0.49
CA LYS B 83 12.23 -15.05 0.39
C LYS B 83 10.84 -14.39 0.35
N ILE B 84 9.94 -14.98 -0.45
CA ILE B 84 8.53 -14.54 -0.61
C ILE B 84 7.66 -15.52 0.20
N TYR B 85 6.69 -15.00 0.95
CA TYR B 85 5.69 -15.82 1.68
C TYR B 85 4.31 -15.38 1.30
N ILE B 86 3.61 -16.25 0.61
CA ILE B 86 2.22 -15.95 0.26
C ILE B 86 1.29 -16.62 1.28
N HIS B 87 0.21 -15.95 1.67
CA HIS B 87 -0.77 -16.60 2.59
C HIS B 87 -1.24 -17.94 1.99
N PRO B 88 -1.20 -19.04 2.77
CA PRO B 88 -1.61 -20.31 2.18
C PRO B 88 -3.10 -20.45 1.85
N ARG B 89 -3.95 -19.54 2.30
CA ARG B 89 -5.39 -19.53 1.94
C ARG B 89 -5.79 -18.28 1.16
N TYR B 90 -4.79 -17.63 0.56
CA TYR B 90 -5.01 -16.67 -0.52
C TYR B 90 -5.93 -17.26 -1.60
N ASN B 91 -7.04 -16.61 -1.88
CA ASN B 91 -8.13 -17.17 -2.76
C ASN B 91 -8.14 -16.33 -4.07
N TRP B 92 -7.26 -16.64 -4.97
CA TRP B 92 -7.21 -15.97 -6.27
C TRP B 92 -8.35 -16.41 -7.16
N ARG B 93 -8.82 -17.61 -6.95
CA ARG B 93 -9.85 -18.10 -7.84
C ARG B 93 -11.18 -17.39 -7.76
N GLU B 94 -11.58 -16.89 -6.59
CA GLU B 94 -12.97 -16.39 -6.38
C GLU B 94 -12.96 -14.83 -6.17
N ASN B 95 -12.28 -14.36 -5.15
CA ASN B 95 -12.58 -13.02 -4.66
C ASN B 95 -11.41 -12.24 -4.16
N LEU B 96 -10.22 -12.77 -4.36
CA LEU B 96 -8.95 -12.26 -3.75
C LEU B 96 -9.02 -12.15 -2.22
N ASP B 97 -9.66 -13.12 -1.56
CA ASP B 97 -9.63 -13.19 -0.09
C ASP B 97 -8.21 -13.48 0.31
N ARG B 98 -7.78 -12.84 1.39
CA ARG B 98 -6.41 -12.99 1.92
C ARG B 98 -5.38 -12.62 0.89
N ASP B 99 -5.63 -11.52 0.19
CA ASP B 99 -4.67 -10.94 -0.75
C ASP B 99 -3.49 -10.27 -0.01
N ILE B 100 -2.55 -11.09 0.46
CA ILE B 100 -1.47 -10.63 1.31
C ILE B 100 -0.22 -11.51 1.07
N ALA B 101 0.93 -10.87 1.05
CA ALA B 101 2.19 -11.59 1.04
C ALA B 101 3.22 -10.82 1.76
N LEU B 102 4.26 -11.53 2.24
CA LEU B 102 5.44 -10.87 2.87
C LEU B 102 6.66 -11.19 2.06
N MET B 103 7.63 -10.26 2.10
CA MET B 103 8.92 -10.46 1.52
C MET B 103 10.00 -10.14 2.55
N LYS B 104 10.91 -11.08 2.81
CA LYS B 104 12.13 -10.83 3.60
C LYS B 104 13.27 -10.37 2.69
N LEU B 105 13.88 -9.26 3.05
CA LEU B 105 14.97 -8.70 2.26
C LEU B 105 16.28 -9.40 2.59
N LYS B 106 17.20 -9.53 1.64
CA LYS B 106 18.50 -10.15 1.93
C LYS B 106 19.27 -9.45 3.04
N LYS B 107 19.20 -8.14 3.12
CA LYS B 107 19.95 -7.38 4.15
C LYS B 107 19.01 -6.34 4.74
N PRO B 108 19.26 -5.92 5.99
CA PRO B 108 18.44 -4.86 6.56
C PRO B 108 18.63 -3.54 5.81
N VAL B 109 17.52 -2.81 5.62
CA VAL B 109 17.60 -1.47 5.03
C VAL B 109 17.90 -0.40 6.10
N ALA B 110 18.81 0.53 5.78
CA ALA B 110 19.05 1.72 6.65
C ALA B 110 17.87 2.75 6.61
N PHE B 111 17.34 3.13 7.80
CA PHE B 111 16.32 4.16 7.90
C PHE B 111 16.90 5.54 7.64
N SER B 112 16.05 6.46 7.18
CA SER B 112 16.52 7.82 6.87
C SER B 112 15.28 8.71 6.89
N ASP B 113 15.49 9.97 6.54
CA ASP B 113 14.39 10.88 6.33
C ASP B 113 13.33 10.36 5.41
N TYR B 114 13.70 9.50 4.44
CA TYR B 114 12.87 9.07 3.36
C TYR B 114 12.39 7.63 3.49
N ILE B 115 12.92 6.91 4.47
CA ILE B 115 12.75 5.47 4.60
C ILE B 115 12.49 5.20 6.11
N HIS B 116 11.30 4.69 6.43
CA HIS B 116 10.86 4.51 7.84
C HIS B 116 9.63 3.63 7.85
N PRO B 117 9.57 2.66 8.77
CA PRO B 117 8.47 1.72 8.71
C PRO B 117 7.18 2.28 9.26
N VAL B 118 6.09 1.76 8.71
CA VAL B 118 4.74 2.02 9.15
C VAL B 118 4.43 1.01 10.30
N CYS B 119 3.54 1.40 11.20
CA CYS B 119 3.02 0.48 12.26
C CYS B 119 1.91 -0.47 11.75
N LEU B 120 1.85 -1.66 12.35
CA LEU B 120 0.75 -2.60 12.07
C LEU B 120 -0.24 -2.48 13.19
N PRO B 121 -1.56 -2.51 12.91
CA PRO B 121 -2.51 -2.29 14.02
C PRO B 121 -2.66 -3.48 14.94
N ASP B 122 -3.08 -3.24 16.16
CA ASP B 122 -3.52 -4.29 17.03
C ASP B 122 -5.07 -4.22 17.10
N ARG B 123 -5.65 -5.17 17.82
CA ARG B 123 -7.10 -5.28 17.84
C ARG B 123 -7.81 -3.97 18.18
N GLU B 124 -7.26 -3.25 19.15
CA GLU B 124 -7.86 -2.05 19.65
C GLU B 124 -7.75 -0.92 18.60
N THR B 125 -6.60 -0.85 17.91
CA THR B 125 -6.45 0.14 16.85
C THR B 125 -7.50 -0.08 15.75
N ALA B 126 -7.66 -1.31 15.33
CA ALA B 126 -8.68 -1.66 14.34
C ALA B 126 -10.09 -1.32 14.79
N ALA B 127 -10.40 -1.67 16.02
CA ALA B 127 -11.72 -1.33 16.56
C ALA B 127 -11.98 0.19 16.56
N SER B 128 -11.00 0.97 16.99
CA SER B 128 -11.08 2.41 16.98
C SER B 128 -11.21 3.07 15.62
N LEU B 129 -10.40 2.66 14.65
CA LEU B 129 -10.24 3.43 13.39
C LEU B 129 -11.00 2.92 12.15
N LEU B 130 -11.34 1.65 12.14
CA LEU B 130 -11.87 1.01 10.95
C LEU B 130 -13.42 1.08 11.07
N GLN B 131 -13.92 2.31 10.89
CA GLN B 131 -15.31 2.71 11.06
C GLN B 131 -15.74 3.47 9.80
N ALA B 132 -16.95 3.23 9.33
CA ALA B 132 -17.53 3.89 8.13
C ALA B 132 -17.40 5.39 8.30
N GLY B 133 -16.93 6.08 7.27
CA GLY B 133 -16.79 7.51 7.37
C GLY B 133 -15.39 8.00 7.70
N TYR B 134 -14.63 7.18 8.45
CA TYR B 134 -13.28 7.49 8.84
C TYR B 134 -12.43 7.39 7.55
N LYS B 135 -11.56 8.37 7.34
CA LYS B 135 -10.73 8.39 6.12
C LYS B 135 -9.36 7.82 6.33
N GLY B 136 -8.84 7.09 5.34
CA GLY B 136 -7.44 6.71 5.29
C GLY B 136 -6.85 7.24 4.04
N ARG B 137 -5.60 6.86 3.84
CA ARG B 137 -4.81 7.38 2.78
C ARG B 137 -4.20 6.24 1.95
N VAL B 138 -4.29 6.39 0.63
CA VAL B 138 -3.81 5.40 -0.36
C VAL B 138 -2.76 6.09 -1.24
N THR B 139 -1.57 5.45 -1.36
CA THR B 139 -0.46 5.98 -2.09
C THR B 139 0.03 5.02 -3.19
N GLY B 140 0.62 5.57 -4.25
CA GLY B 140 1.16 4.75 -5.31
C GLY B 140 1.56 5.46 -6.57
N TRP B 141 2.18 4.67 -7.45
CA TRP B 141 2.72 5.11 -8.77
C TRP B 141 1.92 4.52 -9.94
N GLY B 142 0.75 3.96 -9.63
CA GLY B 142 -0.15 3.42 -10.66
C GLY B 142 -0.78 4.47 -11.52
N ASN B 143 -1.57 4.01 -12.49
CA ASN B 143 -2.14 4.92 -13.48
C ASN B 143 -3.07 5.97 -12.87
N LEU B 144 -3.08 7.11 -13.59
CA LEU B 144 -3.86 8.28 -13.27
C LEU B 144 -5.35 8.18 -13.70
N LYS B 145 -5.69 7.18 -14.51
CA LYS B 145 -7.06 6.95 -14.89
C LYS B 145 -7.19 5.54 -15.45
N GLU B 146 -8.41 5.05 -15.52
CA GLU B 146 -8.67 3.69 -15.96
C GLU B 146 -8.14 3.30 -17.39
N THR B 147 -8.14 4.22 -18.38
CA THR B 147 -7.63 3.87 -19.75
C THR B 147 -7.18 5.07 -20.61
N GLY B 155 -1.49 9.70 -18.24
CA GLY B 155 -1.56 8.25 -18.02
C GLY B 155 -0.86 7.71 -16.76
N GLN B 156 0.44 7.99 -16.62
CA GLN B 156 1.28 7.51 -15.50
C GLN B 156 1.93 8.70 -14.81
N PRO B 157 2.00 8.71 -13.47
CA PRO B 157 2.45 9.92 -12.77
C PRO B 157 3.98 10.09 -12.86
N SER B 158 4.52 11.30 -12.77
CA SER B 158 5.97 11.51 -12.62
C SER B 158 6.45 11.21 -11.15
N VAL B 159 5.58 11.50 -10.15
CA VAL B 159 5.93 11.31 -8.77
C VAL B 159 4.77 10.61 -7.98
N LEU B 160 5.13 10.06 -6.84
CA LEU B 160 4.25 9.35 -5.95
C LEU B 160 2.90 10.09 -5.75
N GLN B 161 1.76 9.39 -5.87
CA GLN B 161 0.45 10.03 -5.80
C GLN B 161 -0.25 9.65 -4.50
N VAL B 162 -1.02 10.57 -3.97
CA VAL B 162 -1.77 10.37 -2.68
C VAL B 162 -3.21 10.69 -2.92
N VAL B 163 -4.07 9.94 -2.26
CA VAL B 163 -5.46 10.31 -2.15
C VAL B 163 -6.01 9.85 -0.79
N ASN B 164 -6.87 10.65 -0.18
CA ASN B 164 -7.56 10.26 1.08
C ASN B 164 -9.01 9.85 0.77
N LEU B 165 -9.50 8.77 1.39
CA LEU B 165 -10.74 8.15 1.01
C LEU B 165 -11.45 7.59 2.22
N PRO B 166 -12.78 7.76 2.28
CA PRO B 166 -13.52 7.30 3.44
C PRO B 166 -13.84 5.81 3.36
N ILE B 167 -13.77 5.13 4.54
CA ILE B 167 -14.18 3.76 4.65
C ILE B 167 -15.70 3.72 4.41
N VAL B 168 -16.19 2.68 3.79
CA VAL B 168 -17.60 2.61 3.41
C VAL B 168 -18.29 1.52 4.24
N GLU B 169 -19.55 1.74 4.52
CA GLU B 169 -20.44 0.79 5.27
C GLU B 169 -20.42 -0.57 4.54
N ARG B 170 -20.29 -1.67 5.28
CA ARG B 170 -20.26 -3.05 4.74
C ARG B 170 -21.42 -3.39 3.74
N PRO B 171 -22.67 -3.11 4.12
CA PRO B 171 -23.71 -3.40 3.16
C PRO B 171 -23.56 -2.64 1.87
N VAL B 172 -23.15 -1.38 1.95
CA VAL B 172 -22.92 -0.61 0.73
C VAL B 172 -21.80 -1.24 -0.18
N CYS B 173 -20.66 -1.64 0.41
CA CYS B 173 -19.61 -2.38 -0.28
C CYS B 173 -20.22 -3.58 -1.02
N LYS B 174 -20.96 -4.40 -0.29
CA LYS B 174 -21.51 -5.62 -0.84
C LYS B 174 -22.46 -5.39 -2.05
N ASP B 175 -23.26 -4.37 -1.92
CA ASP B 175 -24.26 -4.03 -2.91
C ASP B 175 -23.69 -3.37 -4.17
N SER B 176 -22.38 -3.04 -4.16
CA SER B 176 -21.69 -2.43 -5.28
C SER B 176 -21.10 -3.44 -6.25
N THR B 177 -21.15 -4.72 -5.94
CA THR B 177 -20.38 -5.73 -6.65
C THR B 177 -21.13 -7.07 -6.61
N ARG B 178 -20.86 -7.88 -7.64
CA ARG B 178 -21.29 -9.28 -7.73
C ARG B 178 -20.36 -10.22 -6.94
N ILE B 179 -19.13 -9.79 -6.66
CA ILE B 179 -18.12 -10.62 -5.96
C ILE B 179 -18.51 -10.77 -4.49
N ARG B 180 -18.24 -11.96 -3.95
CA ARG B 180 -18.40 -12.23 -2.51
C ARG B 180 -17.35 -11.54 -1.64
N ILE B 181 -17.77 -10.58 -0.83
CA ILE B 181 -16.89 -9.83 0.06
C ILE B 181 -16.74 -10.49 1.46
N THR B 182 -15.51 -10.70 1.93
CA THR B 182 -15.31 -11.44 3.17
C THR B 182 -14.97 -10.44 4.27
N ASP B 183 -14.88 -11.01 5.47
CA ASP B 183 -14.57 -10.23 6.64
C ASP B 183 -13.14 -9.84 6.60
N ASN B 184 -12.33 -10.47 5.72
CA ASN B 184 -10.91 -10.09 5.57
C ASN B 184 -10.69 -8.94 4.61
N MET B 185 -11.78 -8.28 4.21
CA MET B 185 -11.74 -7.17 3.26
C MET B 185 -12.57 -6.02 3.74
N PHE B 186 -12.15 -4.80 3.45
CA PHE B 186 -13.00 -3.65 3.63
C PHE B 186 -13.00 -2.87 2.34
N CYS B 187 -13.97 -1.96 2.21
CA CYS B 187 -13.95 -1.07 1.01
C CYS B 187 -13.92 0.37 1.37
N ALA B 188 -13.41 1.18 0.45
CA ALA B 188 -13.27 2.61 0.68
C ALA B 188 -13.53 3.37 -0.61
N GLY B 189 -13.87 4.65 -0.49
CA GLY B 189 -14.09 5.53 -1.68
C GLY B 189 -15.34 6.36 -1.45
N TYR B 190 -15.50 7.43 -2.25
CA TYR B 190 -16.65 8.30 -2.12
C TYR B 190 -17.84 7.72 -2.88
N LYS B 191 -19.04 8.09 -2.42
CA LYS B 191 -20.30 7.81 -3.13
C LYS B 191 -20.48 8.82 -4.27
N PRO B 192 -21.37 8.50 -5.19
CA PRO B 192 -21.67 9.37 -6.31
C PRO B 192 -22.11 10.79 -5.93
N ASP B 193 -22.91 10.94 -4.91
CA ASP B 193 -23.40 12.29 -4.63
C ASP B 193 -22.32 13.26 -4.06
N GLU B 194 -21.18 12.71 -3.61
CA GLU B 194 -20.41 13.36 -2.56
C GLU B 194 -19.71 14.63 -3.03
N GLY B 195 -19.29 14.69 -4.29
CA GLY B 195 -18.60 15.91 -4.78
C GLY B 195 -17.07 15.86 -4.63
N LYS B 196 -16.56 14.68 -4.22
CA LYS B 196 -15.13 14.34 -4.25
C LYS B 196 -15.06 12.88 -4.78
N ARG B 197 -13.91 12.52 -5.32
CA ARG B 197 -13.76 11.21 -5.91
C ARG B 197 -12.30 10.72 -5.65
N GLY B 198 -11.86 9.70 -6.37
CA GLY B 198 -10.55 9.13 -6.17
C GLY B 198 -10.55 7.63 -5.88
N ASP B 199 -9.47 7.02 -6.34
CA ASP B 199 -9.30 5.58 -6.32
C ASP B 199 -7.87 5.24 -6.58
N ALA B 200 -7.56 3.99 -6.28
CA ALA B 200 -6.35 3.36 -6.79
C ALA B 200 -6.57 2.99 -8.25
N CYS B 201 -5.48 2.64 -8.91
CA CYS B 201 -5.57 2.11 -10.27
C CYS B 201 -4.28 1.31 -10.65
N GLU B 202 -4.36 0.51 -11.73
CA GLU B 202 -3.29 -0.40 -12.19
C GLU B 202 -1.87 0.08 -11.86
N GLY B 203 -1.16 -0.75 -11.12
CA GLY B 203 0.12 -0.45 -10.55
C GLY B 203 0.13 -0.09 -9.03
N ASP B 204 -1.03 0.23 -8.42
CA ASP B 204 -1.18 0.62 -7.01
C ASP B 204 -1.40 -0.55 -6.13
N SER B 205 -1.73 -1.73 -6.70
CA SER B 205 -2.01 -2.89 -5.85
C SER B 205 -0.84 -3.25 -4.96
N GLY B 206 -1.14 -3.74 -3.74
CA GLY B 206 -0.11 -4.07 -2.79
C GLY B 206 0.37 -2.92 -1.94
N GLY B 207 0.11 -1.66 -2.33
CA GLY B 207 0.44 -0.51 -1.52
C GLY B 207 -0.44 -0.36 -0.30
N PRO B 208 -0.11 0.63 0.56
CA PRO B 208 -0.81 0.77 1.86
C PRO B 208 -2.00 1.68 1.88
N PHE B 209 -3.01 1.30 2.68
CA PHE B 209 -4.11 2.19 3.12
C PHE B 209 -3.81 2.51 4.57
N VAL B 210 -3.46 3.76 4.83
CA VAL B 210 -3.00 4.16 6.17
C VAL B 210 -3.91 5.17 6.85
N MET B 211 -3.92 5.13 8.17
CA MET B 211 -4.66 6.03 9.00
C MET B 211 -3.75 6.54 10.12
N LYS B 212 -3.97 7.78 10.54
CA LYS B 212 -3.17 8.40 11.61
C LYS B 212 -3.92 8.35 12.92
N SER B 213 -3.42 7.54 13.85
CA SER B 213 -4.12 7.43 15.09
C SER B 213 -4.16 8.78 15.82
N PRO B 214 -5.37 9.24 16.20
CA PRO B 214 -5.46 10.45 16.98
C PRO B 214 -5.10 10.27 18.49
N PHE B 215 -4.85 9.03 18.93
CA PHE B 215 -4.55 8.72 20.32
C PHE B 215 -3.04 8.81 20.56
N ASN B 216 -2.26 8.30 19.61
CA ASN B 216 -0.80 8.28 19.74
C ASN B 216 -0.01 8.93 18.59
N ASN B 217 -0.71 9.54 17.63
CA ASN B 217 -0.12 10.30 16.55
C ASN B 217 0.83 9.54 15.61
N ARG B 218 0.62 8.23 15.52
CA ARG B 218 1.36 7.33 14.67
C ARG B 218 0.54 6.86 13.48
N TRP B 219 1.22 6.60 12.37
CA TRP B 219 0.53 6.03 11.23
C TRP B 219 0.46 4.52 11.28
N TYR B 220 -0.73 3.96 11.02
CA TYR B 220 -0.98 2.54 10.99
C TYR B 220 -1.45 2.09 9.61
N GLN B 221 -0.93 0.97 9.16
CA GLN B 221 -1.36 0.43 7.88
C GLN B 221 -2.60 -0.47 8.14
N MET B 222 -3.76 0.02 7.78
CA MET B 222 -5.04 -0.69 8.10
C MET B 222 -5.39 -1.61 6.89
N GLY B 223 -4.89 -1.27 5.69
CA GLY B 223 -5.25 -1.99 4.47
C GLY B 223 -4.14 -2.17 3.49
N ILE B 224 -4.31 -3.16 2.65
CA ILE B 224 -3.51 -3.33 1.43
C ILE B 224 -4.38 -3.12 0.24
N VAL B 225 -3.95 -2.25 -0.67
CA VAL B 225 -4.62 -2.08 -1.99
C VAL B 225 -4.78 -3.46 -2.71
N SER B 226 -6.02 -3.89 -2.90
CA SER B 226 -6.26 -5.20 -3.49
C SER B 226 -6.91 -5.02 -4.86
N TRP B 227 -8.23 -4.73 -4.93
CA TRP B 227 -8.87 -4.65 -6.19
C TRP B 227 -10.05 -3.67 -6.29
N GLY B 228 -10.34 -3.32 -7.53
CA GLY B 228 -11.58 -2.62 -7.92
C GLY B 228 -12.07 -2.95 -9.29
N GLU B 229 -13.36 -2.70 -9.57
CA GLU B 229 -13.90 -2.95 -10.87
C GLU B 229 -13.63 -1.72 -11.68
N GLY B 230 -12.57 -1.72 -12.44
CA GLY B 230 -12.06 -0.52 -13.08
C GLY B 230 -11.38 0.33 -12.05
N CYS B 231 -11.41 1.65 -12.27
CA CYS B 231 -10.80 2.65 -11.37
C CYS B 231 -11.65 3.89 -11.31
N ASP B 232 -12.05 4.28 -10.08
CA ASP B 232 -12.73 5.53 -9.85
C ASP B 232 -14.07 5.61 -10.54
N ARG B 233 -14.74 4.48 -10.77
CA ARG B 233 -16.07 4.55 -11.40
C ARG B 233 -17.16 4.91 -10.39
N ASP B 234 -18.15 5.69 -10.82
CA ASP B 234 -19.25 6.07 -9.95
C ASP B 234 -19.93 4.78 -9.51
N GLY B 235 -20.17 4.63 -8.22
CA GLY B 235 -20.95 3.45 -7.76
C GLY B 235 -20.08 2.26 -7.39
N LYS B 236 -18.77 2.33 -7.70
CA LYS B 236 -17.86 1.27 -7.31
C LYS B 236 -16.90 1.81 -6.25
N TYR B 237 -16.26 0.87 -5.54
CA TYR B 237 -15.36 1.17 -4.48
C TYR B 237 -14.06 0.34 -4.63
N GLY B 238 -13.06 0.67 -3.85
CA GLY B 238 -11.82 -0.13 -3.77
C GLY B 238 -11.95 -1.12 -2.63
N PHE B 239 -11.39 -2.34 -2.84
CA PHE B 239 -11.40 -3.40 -1.84
C PHE B 239 -9.98 -3.58 -1.35
N TYR B 240 -9.85 -3.56 -0.02
CA TYR B 240 -8.56 -3.56 0.64
C TYR B 240 -8.50 -4.80 1.53
N THR B 241 -7.32 -5.41 1.59
CA THR B 241 -7.05 -6.49 2.57
C THR B 241 -7.03 -5.88 3.98
N HIS B 242 -7.77 -6.46 4.92
CA HIS B 242 -7.84 -6.01 6.31
C HIS B 242 -6.67 -6.55 7.11
N VAL B 243 -5.68 -5.68 7.32
CA VAL B 243 -4.41 -6.09 7.88
C VAL B 243 -4.55 -6.68 9.23
N PHE B 244 -5.30 -6.01 10.12
CA PHE B 244 -5.48 -6.57 11.43
C PHE B 244 -6.01 -8.03 11.42
N ARG B 245 -6.94 -8.32 10.56
CA ARG B 245 -7.54 -9.68 10.51
C ARG B 245 -6.54 -10.73 10.10
N LEU B 246 -5.50 -10.38 9.32
CA LEU B 246 -4.45 -11.32 8.90
C LEU B 246 -3.14 -11.20 9.73
N LYS B 247 -3.19 -10.48 10.85
CA LYS B 247 -2.01 -10.23 11.64
C LYS B 247 -1.45 -11.45 12.34
N LYS B 248 -2.32 -12.38 12.72
CA LYS B 248 -1.93 -13.67 13.27
C LYS B 248 -0.95 -14.36 12.32
N TRP B 249 -1.34 -14.37 11.06
CA TRP B 249 -0.48 -14.90 9.99
C TRP B 249 0.84 -14.09 9.86
N ILE B 250 0.74 -12.77 9.79
CA ILE B 250 1.95 -11.95 9.70
C ILE B 250 2.98 -12.30 10.82
N GLN B 251 2.45 -12.40 12.03
CA GLN B 251 3.26 -12.55 13.25
C GLN B 251 3.91 -13.93 13.19
N LYS B 252 3.13 -14.92 12.76
CA LYS B 252 3.62 -16.26 12.58
C LYS B 252 4.76 -16.38 11.57
N VAL B 253 4.64 -15.71 10.43
CA VAL B 253 5.74 -15.75 9.43
C VAL B 253 6.98 -15.06 9.99
N ILE B 254 6.81 -13.90 10.60
CA ILE B 254 7.94 -13.18 11.08
C ILE B 254 8.55 -13.92 12.29
N ASP B 255 7.74 -14.42 13.23
CA ASP B 255 8.29 -15.26 14.32
C ASP B 255 9.03 -16.51 13.86
N GLN B 256 8.55 -17.16 12.83
CA GLN B 256 9.17 -18.39 12.36
C GLN B 256 10.49 -18.14 11.62
N PHE B 257 10.55 -17.05 10.85
CA PHE B 257 11.61 -16.83 9.87
C PHE B 257 12.41 -15.52 10.07
N GLY C 1 13.25 1.88 -22.35
CA GLY C 1 12.90 1.91 -20.91
C GLY C 1 12.45 3.30 -20.46
N ASP C 2 11.24 3.39 -19.91
CA ASP C 2 10.77 4.62 -19.24
C ASP C 2 11.59 4.84 -18.00
N PHE C 3 12.07 3.73 -17.46
CA PHE C 3 12.86 3.75 -16.28
C PHE C 3 14.32 4.00 -16.52
N GLU C 4 14.86 4.88 -15.70
CA GLU C 4 16.27 5.09 -15.61
C GLU C 4 17.00 3.85 -15.15
N GLU C 5 18.18 3.63 -15.74
CA GLU C 5 19.04 2.49 -15.42
C GLU C 5 19.48 2.57 -13.96
N ILE C 6 19.53 1.39 -13.35
CA ILE C 6 19.79 1.15 -11.93
C ILE C 6 21.27 0.74 -11.93
N PRO C 7 22.05 1.03 -10.87
CA PRO C 7 23.44 0.50 -10.94
C PRO C 7 23.54 -1.05 -11.04
N GLU C 8 24.62 -1.53 -11.68
CA GLU C 8 24.80 -2.95 -12.06
C GLU C 8 24.80 -3.86 -10.83
N GLU C 9 25.32 -3.36 -9.70
CA GLU C 9 25.37 -4.10 -8.42
C GLU C 9 24.01 -4.66 -7.98
N TYS C 10 22.92 -3.96 -8.28
CA TYS C 10 21.62 -4.44 -7.84
CB TYS C 10 20.64 -3.29 -7.81
CG TYS C 10 21.10 -2.24 -6.84
CD1 TYS C 10 21.25 -2.52 -5.49
CD2 TYS C 10 21.36 -0.95 -7.33
CE1 TYS C 10 21.68 -1.52 -4.63
CE2 TYS C 10 21.77 0.05 -6.46
CZ TYS C 10 21.92 -0.24 -5.12
OH TYS C 10 22.31 0.76 -4.32
S TYS C 10 21.33 1.70 -3.62
O1 TYS C 10 20.50 2.40 -4.57
O2 TYS C 10 20.53 0.89 -2.76
O3 TYS C 10 22.27 2.69 -2.74
C TYS C 10 21.06 -5.54 -8.71
O TYS C 10 20.14 -6.26 -8.28
N LEU C 11 21.63 -5.71 -9.92
CA LEU C 11 21.13 -6.71 -10.86
C LEU C 11 21.96 -8.03 -10.81
C4 QQK D . -8.20 -5.37 -9.95
C5 QQK D . -7.17 -6.21 -9.61
C7 QQK D . -6.61 -4.21 -9.11
C10 QQK D . -6.26 -1.89 -8.91
C13 QQK D . -9.16 0.19 -7.80
C15 QQK D . -8.35 -0.97 -5.84
C21 QQK D . -6.32 -9.81 -9.78
C22 QQK D . -10.81 -7.82 -11.36
C26 QQK D . -12.97 -10.65 -10.68
C28 QQK D . -11.73 -10.22 -8.62
C16 QQK D . -7.38 -1.56 -6.65
CL1 QQK D . -8.41 -1.18 -4.14
C14 QQK D . -9.21 -0.07 -6.42
C12 QQK D . -8.24 -0.43 -8.61
C11 QQK D . -7.35 -1.31 -7.99
C18 QQK D . -5.04 -1.09 -8.47
N9 QQK D . -5.91 -3.26 -8.63
O6 QQK D . -6.15 -5.46 -9.02
N8 QQK D . -7.85 -4.13 -9.63
C3 QQK D . -9.39 -5.88 -10.52
C19 QQK D . -7.31 -7.59 -9.79
O20 QQK D . -6.22 -8.41 -9.46
C1 QQK D . -8.48 -8.11 -10.38
C2 QQK D . -9.51 -7.25 -10.76
O23 QQK D . -11.09 -7.60 -12.52
N24 QQK D . -11.60 -8.61 -10.62
C29 QQK D . -11.43 -8.77 -9.12
C25 QQK D . -12.82 -9.20 -11.19
C34 QQK D . -14.05 -8.43 -10.62
C35 QQK D . -14.12 -6.92 -10.93
O27 QQK D . -12.88 -10.70 -9.24
C30 QQK D . -11.97 -10.27 -7.08
C31 QQK D . -10.52 -11.05 -9.01
C32 QQK D . -10.68 -12.58 -8.91
O33 QQK D . -9.32 -13.12 -9.00
C1 NAG E . 5.15 -20.93 -9.64
C2 NAG E . 4.40 -22.25 -9.79
C3 NAG E . 4.86 -23.24 -8.71
C4 NAG E . 6.33 -23.56 -8.94
C5 NAG E . 7.08 -22.22 -8.85
C6 NAG E . 8.57 -22.42 -9.06
C7 NAG E . 2.26 -21.83 -10.96
C8 NAG E . 2.93 -21.80 -12.33
N2 NAG E . 2.96 -22.04 -9.82
O3 NAG E . 4.14 -24.48 -8.74
O4 NAG E . 6.81 -24.55 -8.01
O5 NAG E . 6.55 -21.27 -9.80
O6 NAG E . 9.07 -21.29 -9.79
O7 NAG E . 1.04 -21.66 -10.88
#